data_4LGE
#
_entry.id   4LGE
#
_cell.length_a   30.520
_cell.length_b   72.805
_cell.length_c   116.914
_cell.angle_alpha   90.00
_cell.angle_beta   90.00
_cell.angle_gamma   90.00
#
_symmetry.space_group_name_H-M   'P 21 21 21'
#
loop_
_entity.id
_entity.type
_entity.pdbx_description
1 polymer 'Baculoviral IAP repeat-containing protein 2'
2 non-polymer 'ZINC ION'
3 non-polymer (4S,6aR,7aS)-5-{(2S)-2-cyclohexyl-2-[(N-methyl-L-alanyl)amino]acetyl}-N-[(4R)-3,4-dihydro-2H-chromen-4-yl]octahydro-1H-cyclopropa[4,5]pyrrolo[1,2-a]pyrazine-4-carboxamide
4 water water
#
_entity_poly.entity_id   1
_entity_poly.type   'polypeptide(L)'
_entity_poly.pdbx_seq_one_letter_code
;MGSSHHHHHHSSGENLYFQGGSSISNLSMQTHAARMRTFMYWPSSVPVQPEQLASAGFYYVGRNDDVKCFCCDGGLRCWE
SGDDPWVEHAKWFPRCEFLIRMKGQEFVDEIQGRY
;
_entity_poly.pdbx_strand_id   A,B
#
loop_
_chem_comp.id
_chem_comp.type
_chem_comp.name
_chem_comp.formula
1Y0 peptide-like (4S,6aR,7aS)-5-{(2S)-2-cyclohexyl-2-[(N-methyl-L-alanyl)amino]acetyl}-N-[(4R)-3,4-dihydro-2H-chromen-4-yl]octahydro-1H-cyclopropa[4,5]pyrrolo[1,2-a]pyrazine-4-carboxamide 'C30 H43 N5 O4'
ZN non-polymer 'ZINC ION' 'Zn 2'
#
# COMPACT_ATOMS: atom_id res chain seq x y z
N ILE A 24 -9.69 -9.07 -25.69
CA ILE A 24 -9.27 -9.56 -24.34
C ILE A 24 -10.24 -9.08 -23.25
N SER A 25 -10.75 -10.04 -22.48
CA SER A 25 -11.61 -9.80 -21.32
C SER A 25 -10.81 -9.33 -20.11
N ASN A 26 -11.22 -8.23 -19.49
CA ASN A 26 -10.58 -7.76 -18.26
C ASN A 26 -10.56 -8.86 -17.18
N LEU A 27 -11.62 -9.66 -17.09
CA LEU A 27 -11.68 -10.72 -16.06
C LEU A 27 -10.58 -11.76 -16.25
N SER A 28 -10.28 -12.08 -17.51
CA SER A 28 -9.25 -13.05 -17.84
C SER A 28 -7.87 -12.54 -17.47
N MET A 29 -7.78 -11.24 -17.14
CA MET A 29 -6.52 -10.61 -16.83
C MET A 29 -6.30 -10.34 -15.33
N GLN A 30 -7.12 -10.95 -14.47
CA GLN A 30 -6.97 -10.74 -13.02
C GLN A 30 -5.67 -11.33 -12.44
N THR A 31 -5.05 -12.28 -13.12
CA THR A 31 -3.83 -12.87 -12.57
C THR A 31 -2.58 -12.51 -13.40
N HIS A 32 -1.45 -12.40 -12.72
CA HIS A 32 -0.19 -12.00 -13.35
C HIS A 32 0.23 -12.88 -14.54
N ALA A 33 0.12 -14.20 -14.39
CA ALA A 33 0.54 -15.12 -15.48
C ALA A 33 -0.25 -14.88 -16.75
N ALA A 34 -1.54 -14.58 -16.60
CA ALA A 34 -2.37 -14.33 -17.76
C ALA A 34 -1.94 -13.04 -18.45
N ARG A 35 -1.70 -12.00 -17.65
CA ARG A 35 -1.22 -10.76 -18.22
C ARG A 35 0.13 -10.90 -18.94
N MET A 36 1.04 -11.66 -18.38
CA MET A 36 2.35 -11.86 -19.03
C MET A 36 2.21 -12.42 -20.44
N ARG A 37 1.28 -13.34 -20.63
CA ARG A 37 1.21 -14.02 -21.95
C ARG A 37 0.68 -13.10 -23.04
N THR A 38 0.08 -11.97 -22.66
CA THR A 38 -0.41 -11.03 -23.69
C THR A 38 0.70 -10.25 -24.40
N PHE A 39 1.92 -10.31 -23.88
CA PHE A 39 3.04 -9.47 -24.37
C PHE A 39 3.89 -10.10 -25.50
N MET A 40 3.36 -11.11 -26.15
CA MET A 40 4.12 -11.83 -27.19
C MET A 40 4.88 -10.97 -28.19
N TYR A 41 4.14 -10.09 -28.87
CA TYR A 41 4.67 -9.28 -29.95
C TYR A 41 5.02 -7.87 -29.47
N TRP A 42 5.09 -7.70 -28.16
CA TRP A 42 5.49 -6.43 -27.52
C TRP A 42 6.79 -5.92 -28.14
N PRO A 43 6.80 -4.69 -28.67
CA PRO A 43 8.01 -4.20 -29.31
C PRO A 43 9.25 -4.18 -28.39
N SER A 44 10.32 -4.85 -28.78
CA SER A 44 11.53 -4.93 -27.95
C SER A 44 12.21 -3.57 -27.76
N SER A 45 11.92 -2.62 -28.63
CA SER A 45 12.52 -1.29 -28.56
C SER A 45 11.94 -0.43 -27.42
N VAL A 46 10.79 -0.82 -26.88
CA VAL A 46 10.19 -0.06 -25.77
C VAL A 46 11.00 -0.32 -24.51
N PRO A 47 11.41 0.75 -23.81
CA PRO A 47 12.30 0.64 -22.63
C PRO A 47 11.61 0.37 -21.30
N VAL A 48 10.51 -0.39 -21.35
CA VAL A 48 9.86 -0.94 -20.15
C VAL A 48 9.52 -2.39 -20.47
N GLN A 49 9.73 -3.29 -19.51
CA GLN A 49 9.61 -4.73 -19.75
C GLN A 49 8.26 -5.29 -19.35
N PRO A 50 7.78 -6.33 -20.07
CA PRO A 50 6.53 -6.99 -19.68
C PRO A 50 6.38 -7.37 -18.22
N GLU A 51 7.43 -7.89 -17.60
CA GLU A 51 7.31 -8.31 -16.20
C GLU A 51 6.90 -7.14 -15.28
N GLN A 52 7.49 -5.97 -15.50
CA GLN A 52 7.16 -4.80 -14.67
C GLN A 52 5.75 -4.28 -14.96
N LEU A 53 5.34 -4.35 -16.22
CA LEU A 53 4.00 -3.94 -16.60
C LEU A 53 2.96 -4.86 -16.01
N ALA A 54 3.13 -6.17 -16.21
CA ALA A 54 2.16 -7.14 -15.70
C ALA A 54 2.05 -7.06 -14.15
N SER A 55 3.18 -6.87 -13.49
CA SER A 55 3.18 -6.75 -12.02
C SER A 55 2.31 -5.57 -11.55
N ALA A 56 2.31 -4.50 -12.34
CA ALA A 56 1.56 -3.31 -11.97
C ALA A 56 0.11 -3.34 -12.46
N GLY A 57 -0.33 -4.49 -12.96
CA GLY A 57 -1.74 -4.68 -13.31
C GLY A 57 -2.04 -4.62 -14.80
N PHE A 58 -1.01 -4.32 -15.60
CA PHE A 58 -1.24 -4.06 -17.02
C PHE A 58 -1.13 -5.28 -17.92
N TYR A 59 -1.94 -5.28 -18.98
CA TYR A 59 -1.78 -6.27 -20.06
C TYR A 59 -1.75 -5.55 -21.40
N TYR A 60 -1.18 -6.23 -22.40
CA TYR A 60 -1.00 -5.63 -23.74
C TYR A 60 -2.26 -5.80 -24.58
N VAL A 61 -2.76 -4.69 -25.15
CA VAL A 61 -3.96 -4.76 -25.96
C VAL A 61 -3.68 -5.07 -27.43
N GLY A 62 -2.41 -5.16 -27.82
CA GLY A 62 -2.04 -5.71 -29.12
C GLY A 62 -1.84 -4.69 -30.20
N ARG A 63 -1.73 -3.43 -29.79
CA ARG A 63 -1.42 -2.33 -30.73
C ARG A 63 -0.32 -1.45 -30.13
N ASN A 64 0.70 -1.18 -30.94
CA ASN A 64 1.80 -0.32 -30.56
C ASN A 64 2.34 -0.68 -29.17
N ASP A 65 2.35 0.28 -28.23
CA ASP A 65 2.74 -0.04 -26.85
C ASP A 65 1.62 0.21 -25.83
N ASP A 66 0.38 0.08 -26.28
CA ASP A 66 -0.82 0.33 -25.47
C ASP A 66 -1.07 -0.81 -24.49
N VAL A 67 -1.21 -0.45 -23.22
CA VAL A 67 -1.54 -1.42 -22.17
C VAL A 67 -2.77 -0.91 -21.40
N LYS A 68 -3.50 -1.83 -20.76
CA LYS A 68 -4.64 -1.44 -19.89
C LYS A 68 -4.54 -2.16 -18.58
N CYS A 69 -5.05 -1.52 -17.52
CA CYS A 69 -5.11 -2.17 -16.23
C CYS A 69 -6.34 -3.06 -16.13
N PHE A 70 -6.16 -4.27 -15.60
CA PHE A 70 -7.29 -5.22 -15.49
C PHE A 70 -8.38 -4.75 -14.53
N CYS A 71 -8.00 -3.90 -13.56
CA CYS A 71 -8.92 -3.52 -12.50
C CYS A 71 -9.68 -2.23 -12.83
N CYS A 72 -8.93 -1.17 -13.15
CA CYS A 72 -9.53 0.16 -13.35
C CYS A 72 -9.80 0.47 -14.82
N ASP A 73 -9.30 -0.39 -15.72
CA ASP A 73 -9.40 -0.21 -17.18
C ASP A 73 -8.67 1.04 -17.70
N GLY A 74 -7.82 1.63 -16.88
CA GLY A 74 -7.00 2.76 -17.37
C GLY A 74 -6.00 2.31 -18.44
N GLY A 75 -5.85 3.10 -19.48
CA GLY A 75 -4.92 2.81 -20.58
C GLY A 75 -3.70 3.69 -20.53
N LEU A 76 -2.54 3.08 -20.74
CA LEU A 76 -1.27 3.84 -20.79
C LEU A 76 -0.50 3.50 -22.06
N ARG A 77 0.20 4.50 -22.59
CA ARG A 77 1.00 4.28 -23.80
C ARG A 77 2.21 5.21 -23.80
N CYS A 78 3.07 5.04 -24.83
CA CYS A 78 4.26 5.91 -25.01
C CYS A 78 5.16 5.87 -23.78
N TRP A 79 5.49 4.63 -23.39
CA TRP A 79 6.47 4.36 -22.35
C TRP A 79 7.82 4.96 -22.70
N GLU A 80 8.43 5.61 -21.71
CA GLU A 80 9.73 6.28 -21.85
C GLU A 80 10.78 5.62 -20.97
N SER A 81 12.06 5.82 -21.32
CA SER A 81 13.17 5.33 -20.53
C SER A 81 13.07 5.79 -19.08
N GLY A 82 13.24 4.87 -18.14
CA GLY A 82 13.13 5.19 -16.72
C GLY A 82 11.74 5.15 -16.13
N ASP A 83 10.70 4.97 -16.96
CA ASP A 83 9.34 4.87 -16.40
C ASP A 83 9.24 3.67 -15.48
N ASP A 84 8.50 3.88 -14.39
CA ASP A 84 8.16 2.85 -13.45
C ASP A 84 6.64 2.67 -13.56
N PRO A 85 6.18 1.50 -14.04
CA PRO A 85 4.75 1.30 -14.21
C PRO A 85 3.88 1.59 -12.97
N TRP A 86 4.36 1.28 -11.77
CA TRP A 86 3.57 1.62 -10.59
C TRP A 86 3.39 3.12 -10.41
N VAL A 87 4.46 3.89 -10.66
CA VAL A 87 4.41 5.35 -10.56
C VAL A 87 3.44 5.91 -11.59
N GLU A 88 3.53 5.40 -12.81
CA GLU A 88 2.64 5.90 -13.86
C GLU A 88 1.19 5.52 -13.56
N HIS A 89 0.97 4.34 -12.98
CA HIS A 89 -0.39 3.94 -12.58
C HIS A 89 -0.98 4.91 -11.54
N ALA A 90 -0.14 5.30 -10.57
CA ALA A 90 -0.58 6.21 -9.51
C ALA A 90 -0.72 7.66 -10.02
N LYS A 91 0.11 8.05 -10.97
CA LYS A 91 0.05 9.41 -11.52
C LYS A 91 -1.26 9.64 -12.25
N TRP A 92 -1.67 8.65 -13.04
CA TRP A 92 -2.78 8.84 -13.95
C TRP A 92 -4.11 8.24 -13.46
N PHE A 93 -4.04 7.15 -12.67
CA PHE A 93 -5.25 6.46 -12.20
C PHE A 93 -5.20 6.21 -10.69
N PRO A 94 -5.12 7.30 -9.90
CA PRO A 94 -4.90 7.16 -8.47
C PRO A 94 -6.02 6.48 -7.64
N ARG A 95 -7.22 6.34 -8.22
N ARG A 95 -7.23 6.34 -8.17
CA ARG A 95 -8.34 5.72 -7.51
CA ARG A 95 -8.25 5.68 -7.36
C ARG A 95 -8.42 4.20 -7.69
N CYS A 96 -7.49 3.65 -8.50
CA CYS A 96 -7.54 2.22 -8.79
C CYS A 96 -7.37 1.38 -7.52
N GLU A 97 -8.34 0.49 -7.27
CA GLU A 97 -8.28 -0.33 -6.07
C GLU A 97 -7.16 -1.33 -6.04
N PHE A 98 -6.79 -1.90 -7.20
CA PHE A 98 -5.66 -2.82 -7.24
C PHE A 98 -4.34 -2.07 -6.88
N LEU A 99 -4.13 -0.90 -7.50
CA LEU A 99 -3.00 -0.05 -7.14
C LEU A 99 -2.93 0.23 -5.65
N ILE A 100 -4.06 0.62 -5.06
CA ILE A 100 -4.07 0.99 -3.63
C ILE A 100 -3.76 -0.25 -2.79
N ARG A 101 -4.34 -1.40 -3.14
CA ARG A 101 -4.14 -2.64 -2.36
C ARG A 101 -2.66 -3.07 -2.41
N MET A 102 -2.00 -2.84 -3.56
CA MET A 102 -0.62 -3.29 -3.70
C MET A 102 0.43 -2.31 -3.20
N LYS A 103 0.20 -1.02 -3.44
CA LYS A 103 1.19 0.02 -3.12
C LYS A 103 0.80 0.89 -1.95
N GLY A 104 -0.48 0.91 -1.62
CA GLY A 104 -0.95 1.65 -0.44
C GLY A 104 -1.32 3.10 -0.79
N GLN A 105 -2.24 3.63 0.00
CA GLN A 105 -2.74 4.99 -0.20
C GLN A 105 -1.65 6.03 0.03
N GLU A 106 -0.72 5.76 0.94
CA GLU A 106 0.39 6.73 1.19
C GLU A 106 1.22 6.99 -0.07
N PHE A 107 1.54 5.90 -0.78
CA PHE A 107 2.34 5.98 -2.00
C PHE A 107 1.56 6.79 -3.02
N VAL A 108 0.27 6.50 -3.18
CA VAL A 108 -0.52 7.17 -4.21
C VAL A 108 -0.61 8.66 -3.88
N ASP A 109 -0.81 8.99 -2.60
CA ASP A 109 -0.89 10.38 -2.18
C ASP A 109 0.37 11.14 -2.55
N GLU A 110 1.53 10.50 -2.32
CA GLU A 110 2.81 11.14 -2.62
C GLU A 110 3.01 11.38 -4.12
N ILE A 111 2.62 10.40 -4.95
CA ILE A 111 2.72 10.60 -6.39
C ILE A 111 1.78 11.71 -6.87
N GLN A 112 0.65 11.87 -6.18
CA GLN A 112 -0.29 12.95 -6.46
C GLN A 112 0.14 14.30 -5.86
N GLY A 113 1.32 14.34 -5.24
CA GLY A 113 1.87 15.57 -4.68
C GLY A 113 1.31 16.01 -3.34
N ARG A 114 0.82 15.05 -2.57
CA ARG A 114 0.33 15.31 -1.21
C ARG A 114 1.28 14.67 -0.23
N TYR A 115 2.04 15.49 0.50
CA TYR A 115 3.04 14.99 1.44
C TYR A 115 2.65 15.22 2.90
N SER B 23 -16.50 -4.68 10.67
CA SER B 23 -15.07 -5.07 10.47
C SER B 23 -14.15 -4.35 11.45
N ILE B 24 -14.39 -3.06 11.64
CA ILE B 24 -13.56 -2.20 12.48
C ILE B 24 -13.74 -2.57 13.95
N SER B 25 -12.63 -2.83 14.64
CA SER B 25 -12.68 -3.16 16.07
C SER B 25 -13.15 -2.02 16.96
N ASN B 26 -12.68 -0.82 16.71
CA ASN B 26 -12.99 0.35 17.53
C ASN B 26 -13.35 1.55 16.65
N LEU B 27 -14.65 1.71 16.39
CA LEU B 27 -15.14 2.76 15.50
C LEU B 27 -14.82 4.18 16.01
N SER B 28 -14.83 4.35 17.34
CA SER B 28 -14.58 5.66 17.93
C SER B 28 -13.15 6.13 17.64
N MET B 29 -12.29 5.17 17.31
CA MET B 29 -10.87 5.45 17.07
C MET B 29 -10.51 5.44 15.59
N GLN B 30 -11.50 5.52 14.69
CA GLN B 30 -11.21 5.46 13.27
C GLN B 30 -10.52 6.70 12.69
N THR B 31 -10.61 7.83 13.39
CA THR B 31 -9.96 9.05 12.92
C THR B 31 -8.62 9.28 13.62
N HIS B 32 -7.65 9.79 12.86
CA HIS B 32 -6.32 10.14 13.38
C HIS B 32 -6.43 11.11 14.56
N ALA B 33 -7.31 12.12 14.42
CA ALA B 33 -7.51 13.13 15.47
C ALA B 33 -7.97 12.51 16.79
N ALA B 34 -8.86 11.53 16.72
CA ALA B 34 -9.34 10.83 17.92
C ALA B 34 -8.23 10.00 18.54
N ARG B 35 -7.50 9.26 17.70
CA ARG B 35 -6.36 8.49 18.20
C ARG B 35 -5.34 9.38 18.87
N MET B 36 -5.03 10.54 18.28
CA MET B 36 -4.09 11.46 18.93
C MET B 36 -4.53 11.88 20.34
N ARG B 37 -5.84 12.09 20.54
CA ARG B 37 -6.32 12.57 21.83
C ARG B 37 -6.09 11.54 22.95
N THR B 38 -5.95 10.27 22.58
CA THR B 38 -5.73 9.23 23.60
C THR B 38 -4.32 9.27 24.18
N PHE B 39 -3.43 9.99 23.51
CA PHE B 39 -2.05 10.05 24.00
C PHE B 39 -1.77 11.15 25.02
N MET B 40 -2.81 11.79 25.54
CA MET B 40 -2.59 12.83 26.53
C MET B 40 -1.70 12.31 27.69
N TYR B 41 -1.97 11.09 28.16
CA TYR B 41 -1.24 10.48 29.29
C TYR B 41 -0.09 9.55 28.84
N TRP B 42 0.31 9.58 27.57
CA TRP B 42 1.41 8.74 27.10
C TRP B 42 2.69 9.05 27.93
N PRO B 43 3.32 8.02 28.50
CA PRO B 43 4.50 8.30 29.34
C PRO B 43 5.66 8.95 28.58
N SER B 44 6.27 9.97 29.20
CA SER B 44 7.35 10.69 28.54
C SER B 44 8.60 9.81 28.37
N SER B 45 8.67 8.69 29.08
CA SER B 45 9.80 7.77 28.93
C SER B 45 9.79 6.92 27.66
N VAL B 46 8.67 6.88 26.93
CA VAL B 46 8.57 6.01 25.77
C VAL B 46 9.22 6.67 24.55
N PRO B 47 10.18 5.98 23.91
CA PRO B 47 10.93 6.59 22.81
C PRO B 47 10.26 6.55 21.44
N VAL B 48 8.94 6.42 21.40
CA VAL B 48 8.21 6.50 20.15
C VAL B 48 7.11 7.52 20.38
N GLN B 49 6.82 8.36 19.37
CA GLN B 49 5.94 9.51 19.52
C GLN B 49 4.50 9.23 19.10
N PRO B 50 3.53 9.85 19.78
CA PRO B 50 2.11 9.68 19.44
C PRO B 50 1.81 9.86 17.96
N GLU B 51 2.37 10.87 17.30
CA GLU B 51 2.07 11.06 15.88
C GLU B 51 2.39 9.82 15.01
N GLN B 52 3.54 9.20 15.24
CA GLN B 52 3.88 7.99 14.47
C GLN B 52 2.97 6.81 14.79
N LEU B 53 2.58 6.67 16.04
CA LEU B 53 1.67 5.60 16.44
C LEU B 53 0.28 5.80 15.86
N ALA B 54 -0.27 7.00 16.05
CA ALA B 54 -1.62 7.29 15.56
C ALA B 54 -1.70 7.17 14.04
N SER B 55 -0.65 7.58 13.35
CA SER B 55 -0.61 7.43 11.89
C SER B 55 -0.71 5.98 11.42
N ALA B 56 -0.13 5.06 12.20
CA ALA B 56 -0.12 3.64 11.91
C ALA B 56 -1.36 2.93 12.46
N GLY B 57 -2.35 3.68 12.95
CA GLY B 57 -3.64 3.08 13.36
C GLY B 57 -3.77 2.83 14.86
N PHE B 58 -2.72 3.16 15.61
CA PHE B 58 -2.72 2.82 17.06
C PHE B 58 -3.25 3.94 17.93
N TYR B 59 -3.91 3.55 19.02
CA TYR B 59 -4.32 4.48 20.07
C TYR B 59 -3.89 3.89 21.44
N TYR B 60 -3.73 4.79 22.41
CA TYR B 60 -3.26 4.41 23.75
C TYR B 60 -4.40 3.89 24.61
N VAL B 61 -4.18 2.75 25.25
CA VAL B 61 -5.21 2.13 26.10
C VAL B 61 -5.06 2.48 27.59
N GLY B 62 -4.10 3.36 27.91
CA GLY B 62 -4.05 3.96 29.24
C GLY B 62 -3.24 3.21 30.28
N ARG B 63 -2.45 2.23 29.85
CA ARG B 63 -1.57 1.45 30.78
C ARG B 63 -0.21 1.31 30.14
N ASN B 64 0.83 1.58 30.92
CA ASN B 64 2.22 1.43 30.49
C ASN B 64 2.42 2.04 29.11
N ASP B 65 2.97 1.29 28.16
CA ASP B 65 3.07 1.79 26.77
C ASP B 65 2.21 0.96 25.80
N ASP B 66 1.09 0.46 26.32
CA ASP B 66 0.23 -0.45 25.54
C ASP B 66 -0.63 0.33 24.55
N VAL B 67 -0.59 -0.08 23.28
CA VAL B 67 -1.44 0.54 22.25
C VAL B 67 -2.18 -0.56 21.48
N LYS B 68 -3.33 -0.20 20.89
CA LYS B 68 -4.12 -1.13 20.07
C LYS B 68 -4.44 -0.48 18.73
N CYS B 69 -4.55 -1.32 17.68
CA CYS B 69 -5.01 -0.83 16.38
C CYS B 69 -6.53 -0.73 16.35
N PHE B 70 -7.05 0.41 15.86
CA PHE B 70 -8.52 0.58 15.77
C PHE B 70 -9.19 -0.42 14.82
N CYS B 71 -8.43 -0.90 13.85
CA CYS B 71 -8.98 -1.77 12.80
C CYS B 71 -8.91 -3.25 13.21
N CYS B 72 -7.70 -3.75 13.43
CA CYS B 72 -7.50 -5.18 13.63
C CYS B 72 -7.51 -5.62 15.08
N ASP B 73 -7.46 -4.64 16.00
CA ASP B 73 -7.43 -4.88 17.46
C ASP B 73 -6.11 -5.51 17.94
N GLY B 74 -5.09 -5.52 17.08
CA GLY B 74 -3.76 -6.01 17.50
C GLY B 74 -3.19 -5.05 18.54
N GLY B 75 -2.59 -5.62 19.58
CA GLY B 75 -1.95 -4.82 20.65
C GLY B 75 -0.45 -4.92 20.61
N LEU B 76 0.25 -3.79 20.82
CA LEU B 76 1.71 -3.75 20.90
C LEU B 76 2.17 -3.03 22.16
N ARG B 77 3.31 -3.45 22.71
CA ARG B 77 3.88 -2.81 23.90
C ARG B 77 5.41 -2.94 23.87
N CYS B 78 6.10 -2.38 24.87
CA CYS B 78 7.57 -2.49 24.97
C CYS B 78 8.27 -1.90 23.76
N TRP B 79 7.86 -0.68 23.44
CA TRP B 79 8.42 0.10 22.37
C TRP B 79 9.87 0.47 22.65
N GLU B 80 10.70 0.32 21.62
CA GLU B 80 12.12 0.56 21.71
C GLU B 80 12.52 1.70 20.80
N SER B 81 13.64 2.35 21.15
CA SER B 81 14.19 3.40 20.31
C SER B 81 14.40 2.87 18.88
N GLY B 82 13.98 3.67 17.91
CA GLY B 82 14.13 3.29 16.51
C GLY B 82 13.03 2.36 15.96
N ASP B 83 12.11 1.93 16.81
CA ASP B 83 10.94 1.18 16.33
C ASP B 83 10.11 2.04 15.40
N ASP B 84 9.67 1.45 14.31
CA ASP B 84 8.80 2.10 13.36
C ASP B 84 7.43 1.43 13.47
N PRO B 85 6.40 2.15 13.95
CA PRO B 85 5.08 1.57 14.13
C PRO B 85 4.50 0.84 12.90
N TRP B 86 4.71 1.36 11.69
CA TRP B 86 4.21 0.66 10.52
C TRP B 86 4.91 -0.68 10.31
N VAL B 87 6.23 -0.73 10.54
CA VAL B 87 6.98 -1.98 10.42
C VAL B 87 6.48 -2.99 11.47
N GLU B 88 6.31 -2.53 12.71
CA GLU B 88 5.81 -3.42 13.76
C GLU B 88 4.40 -3.93 13.45
N HIS B 89 3.55 -3.05 12.92
CA HIS B 89 2.19 -3.41 12.49
C HIS B 89 2.24 -4.57 11.44
N ALA B 90 3.14 -4.47 10.45
CA ALA B 90 3.25 -5.50 9.41
C ALA B 90 3.92 -6.77 9.90
N LYS B 91 4.85 -6.64 10.83
CA LYS B 91 5.54 -7.80 11.39
C LYS B 91 4.54 -8.68 12.17
N TRP B 92 3.73 -8.05 13.01
CA TRP B 92 2.88 -8.82 13.93
C TRP B 92 1.45 -9.07 13.44
N PHE B 93 0.91 -8.14 12.63
CA PHE B 93 -0.51 -8.17 12.27
C PHE B 93 -0.67 -7.95 10.75
N PRO B 94 -0.05 -8.83 9.94
CA PRO B 94 0.06 -8.56 8.49
C PRO B 94 -1.27 -8.56 7.73
N ARG B 95 -2.31 -9.15 8.31
CA ARG B 95 -3.60 -9.17 7.62
C ARG B 95 -4.54 -8.01 7.91
N CYS B 96 -4.07 -7.07 8.72
CA CYS B 96 -4.86 -5.89 9.02
C CYS B 96 -5.27 -5.09 7.77
N GLU B 97 -6.57 -4.88 7.61
CA GLU B 97 -7.07 -4.16 6.41
C GLU B 97 -6.58 -2.72 6.33
N PHE B 98 -6.48 -2.03 7.47
CA PHE B 98 -5.97 -0.65 7.46
C PHE B 98 -4.51 -0.57 7.03
N LEU B 99 -3.70 -1.46 7.59
CA LEU B 99 -2.30 -1.59 7.22
C LEU B 99 -2.18 -1.82 5.72
N ILE B 100 -2.98 -2.74 5.17
CA ILE B 100 -2.83 -3.06 3.76
C ILE B 100 -3.29 -1.86 2.91
N ARG B 101 -4.38 -1.20 3.29
CA ARG B 101 -4.85 -0.07 2.49
C ARG B 101 -3.86 1.10 2.54
N MET B 102 -3.18 1.31 3.67
CA MET B 102 -2.30 2.45 3.76
C MET B 102 -0.90 2.21 3.21
N LYS B 103 -0.37 1.02 3.45
CA LYS B 103 1.02 0.71 3.09
C LYS B 103 1.17 -0.24 1.90
N GLY B 104 0.11 -1.00 1.62
CA GLY B 104 0.10 -1.91 0.47
C GLY B 104 0.63 -3.29 0.81
N GLN B 105 0.13 -4.27 0.07
CA GLN B 105 0.57 -5.64 0.20
C GLN B 105 2.06 -5.85 -0.08
N GLU B 106 2.65 -5.09 -1.01
CA GLU B 106 4.09 -5.27 -1.30
C GLU B 106 4.94 -4.95 -0.06
N PHE B 107 4.58 -3.89 0.67
CA PHE B 107 5.26 -3.53 1.90
C PHE B 107 5.09 -4.64 2.95
N VAL B 108 3.87 -5.14 3.11
CA VAL B 108 3.63 -6.18 4.11
C VAL B 108 4.44 -7.43 3.78
N ASP B 109 4.47 -7.80 2.51
CA ASP B 109 5.25 -8.97 2.05
C ASP B 109 6.74 -8.80 2.32
N GLU B 110 7.25 -7.59 2.10
CA GLU B 110 8.67 -7.28 2.36
C GLU B 110 9.03 -7.48 3.85
N ILE B 111 8.19 -6.97 4.75
CA ILE B 111 8.44 -7.13 6.19
C ILE B 111 8.32 -8.60 6.60
N GLN B 112 7.28 -9.27 6.13
CA GLN B 112 7.06 -10.68 6.46
C GLN B 112 8.18 -11.55 5.95
N GLY B 113 8.72 -11.17 4.80
CA GLY B 113 9.88 -11.82 4.16
C GLY B 113 11.17 -11.83 4.98
N ARG B 114 11.31 -10.89 5.91
CA ARG B 114 12.45 -10.85 6.83
C ARG B 114 12.44 -11.98 7.87
N TYR B 115 11.31 -12.69 7.99
CA TYR B 115 11.10 -13.71 9.04
C TYR B 115 10.64 -15.05 8.48
ZN ZN C . -5.63 0.22 -12.30
N2 1Y0 D . 5.04 7.70 -19.37
C1 1Y0 D . 5.73 8.84 -20.01
C3 1Y0 D . 3.85 7.23 -20.11
C5 1Y0 D . 3.38 5.89 -19.54
C6 1Y0 D . 2.74 8.23 -20.06
O7 1Y0 D . 2.73 9.11 -19.18
N8 1Y0 D . 1.80 8.18 -20.99
C9 1Y0 D . 0.67 9.10 -21.07
C17 1Y0 D . -0.60 8.25 -21.06
O18 1Y0 D . -0.53 7.05 -21.33
C11 1Y0 D . 0.69 10.00 -22.35
C12 1Y0 D . 0.49 9.11 -23.60
C13 1Y0 D . 0.60 9.99 -24.87
C14 1Y0 D . 1.95 10.68 -24.90
C15 1Y0 D . 2.11 11.61 -23.69
C16 1Y0 D . 2.01 10.81 -22.37
N19 1Y0 D . -1.80 8.76 -20.69
C20 1Y0 D . -2.00 10.24 -20.42
C21 1Y0 D . -3.11 10.44 -19.39
C23 1Y0 D . -3.58 11.91 -19.23
C24 1Y0 D . -5.02 11.72 -18.71
C26 1Y0 D . -5.25 10.65 -17.62
C27 1Y0 D . -5.45 10.29 -19.13
N28 1Y0 D . -4.33 9.76 -19.91
C29 1Y0 D . -4.15 8.31 -19.84
C30 1Y0 D . -2.98 7.89 -20.78
C32 1Y0 D . -3.41 7.83 -22.22
O33 1Y0 D . -3.05 8.67 -23.04
N34 1Y0 D . -4.17 6.76 -22.53
C35 1Y0 D . -4.62 6.48 -23.90
C37 1Y0 D . -5.89 7.31 -24.16
C38 1Y0 D . -7.15 6.55 -23.71
O39 1Y0 D . -7.18 5.26 -24.37
C40 1Y0 D . -6.07 4.47 -24.29
C41 1Y0 D . -6.21 3.07 -24.45
C42 1Y0 D . -5.11 2.23 -24.37
C43 1Y0 D . -3.85 2.75 -24.12
C44 1Y0 D . -3.71 4.11 -23.98
C45 1Y0 D . -4.81 4.98 -24.07
ZN ZN E . -4.20 -3.14 12.46
N2 1Y0 F . 9.01 -3.57 19.26
C1 1Y0 F . 10.22 -4.04 19.95
C3 1Y0 F . 7.80 -3.79 20.10
C5 1Y0 F . 6.63 -2.94 19.55
C6 1Y0 F . 7.39 -5.25 20.08
O7 1Y0 F . 7.75 -5.95 19.15
N8 1Y0 F . 6.67 -5.73 21.11
C9 1Y0 F . 6.22 -7.13 21.17
C17 1Y0 F . 4.71 -7.10 21.20
O18 1Y0 F . 4.13 -6.04 21.46
C11 1Y0 F . 6.76 -7.86 22.41
C12 1Y0 F . 6.32 -7.15 23.69
C13 1Y0 F . 6.86 -7.94 24.89
C14 1Y0 F . 8.40 -8.02 24.80
C15 1Y0 F . 8.83 -8.69 23.50
C16 1Y0 F . 8.29 -7.89 22.31
N19 1Y0 F . 3.98 -8.19 20.89
C20 1Y0 F . 4.60 -9.51 20.62
C21 1Y0 F . 3.72 -10.26 19.62
C23 1Y0 F . 4.05 -11.76 19.54
C24 1Y0 F . 2.72 -12.36 18.97
C26 1Y0 F . 1.92 -11.60 17.90
C27 1Y0 F . 1.62 -11.36 19.41
N28 1Y0 F . 2.32 -10.29 20.13
C29 1Y0 F . 1.71 -8.99 20.02
C30 1Y0 F . 2.52 -8.03 20.95
C32 1Y0 F . 2.07 -8.14 22.38
O33 1Y0 F . 2.80 -8.60 23.26
N34 1Y0 F . 0.84 -7.67 22.67
C35 1Y0 F . 0.27 -7.66 24.02
C37 1Y0 F . -0.40 -9.01 24.33
C38 1Y0 F . -1.90 -8.96 23.97
O39 1Y0 F . -2.52 -7.92 24.75
C40 1Y0 F . -2.01 -6.67 24.55
C41 1Y0 F . -2.85 -5.55 24.72
C42 1Y0 F . -2.34 -4.27 24.52
C43 1Y0 F . -1.01 -4.10 24.17
C44 1Y0 F . -0.18 -5.19 24.02
C45 1Y0 F . -0.68 -6.49 24.20
#